data_7HOK
#
_entry.id   7HOK
#
_cell.length_a   42.634
_cell.length_b   42.634
_cell.length_c   216.766
_cell.angle_alpha   90.00
_cell.angle_beta   90.00
_cell.angle_gamma   90.00
#
_symmetry.space_group_name_H-M   'P 43 2 2'
#
loop_
_entity.id
_entity.type
_entity.pdbx_description
1 polymer 'Serine protease subunit NS2B'
2 polymer 'Serine protease NS3'
3 non-polymer 'DIMETHYL SULFOXIDE'
4 non-polymer (2R)-2-(methoxymethyl)-4-(pyridin-2-yl)morpholine
5 water water
#
loop_
_entity_poly.entity_id
_entity_poly.type
_entity_poly.pdbx_seq_one_letter_code
_entity_poly.pdbx_strand_id
1 'polypeptide(L)' SMGKSVDMYIERAGDITWEKDAEVTGNSPRLDVALDESGDFSLVEE A
2 'polypeptide(L)'
;MKEVKKGETTDGVYRVMTRRLLGSTQVGVGVMQEGVFHTMWHVTKGAALRSGEGRLDPYWGDVKQDLVSYCGPWKLDAAW
DGLSEVQLLAVPPGERAKNIQTLPGIFKTKDGDIGAVALDYPAGTSGSPILDKCGRVIGLYGNGVVIKNGSYVSAITQGK
REEETPVE
;
B
#
loop_
_chem_comp.id
_chem_comp.type
_chem_comp.name
_chem_comp.formula
DMS non-polymer 'DIMETHYL SULFOXIDE' 'C2 H6 O S'
O2J non-polymer (2R)-2-(methoxymethyl)-4-(pyridin-2-yl)morpholine 'C11 H16 N2 O2'
#
# COMPACT_ATOMS: atom_id res chain seq x y z
N ASP A 7 2.84 3.99 -21.09
CA ASP A 7 3.45 4.68 -19.96
C ASP A 7 2.48 4.78 -18.77
N MET A 8 3.01 4.85 -17.55
CA MET A 8 2.18 5.00 -16.37
C MET A 8 2.19 6.44 -15.86
N TYR A 9 1.02 6.87 -15.36
CA TYR A 9 0.82 8.22 -14.85
C TYR A 9 0.11 8.20 -13.48
N ILE A 10 0.33 9.24 -12.65
CA ILE A 10 -0.32 9.37 -11.35
C ILE A 10 -1.44 10.46 -11.40
N GLU A 11 -2.46 10.29 -10.57
CA GLU A 11 -3.63 11.19 -10.52
C GLU A 11 -3.98 11.32 -9.03
N ARG A 12 -4.08 12.55 -8.48
CA ARG A 12 -4.36 12.65 -7.03
C ARG A 12 -5.76 12.10 -6.71
N ALA A 13 -5.89 11.44 -5.57
CA ALA A 13 -7.13 10.83 -5.11
C ALA A 13 -7.56 11.30 -3.70
N GLY A 14 -6.67 11.97 -2.95
CA GLY A 14 -7.08 12.54 -1.68
C GLY A 14 -5.99 12.77 -0.66
N ASP A 15 -6.41 13.28 0.51
CA ASP A 15 -5.56 13.54 1.66
C ASP A 15 -5.44 12.27 2.41
N ILE A 16 -4.36 12.13 3.19
CA ILE A 16 -4.20 10.98 4.03
C ILE A 16 -4.55 11.45 5.43
N THR A 17 -5.77 11.13 5.87
N THR A 17 -5.77 11.14 5.87
N THR A 17 -5.77 11.13 5.87
N THR A 17 -5.77 11.14 5.87
CA THR A 17 -6.27 11.50 7.19
CA THR A 17 -6.30 11.56 7.16
CA THR A 17 -6.27 11.50 7.19
CA THR A 17 -6.30 11.56 7.16
C THR A 17 -7.06 10.35 7.81
C THR A 17 -7.12 10.41 7.81
C THR A 17 -7.06 10.35 7.81
C THR A 17 -7.12 10.41 7.81
N TRP A 18 -7.08 10.29 9.14
CA TRP A 18 -7.85 9.27 9.84
C TRP A 18 -9.31 9.82 9.84
N GLU A 19 -10.29 8.98 9.47
CA GLU A 19 -11.69 9.41 9.44
C GLU A 19 -12.39 8.91 10.69
N LYS A 20 -12.83 9.81 11.57
CA LYS A 20 -13.55 9.39 12.77
C LYS A 20 -14.92 8.89 12.35
N ASP A 21 -15.29 7.71 12.83
CA ASP A 21 -16.54 7.03 12.49
C ASP A 21 -16.54 6.55 11.03
N ALA A 22 -15.43 5.89 10.65
CA ALA A 22 -15.32 5.23 9.36
C ALA A 22 -15.95 3.83 9.52
N GLU A 23 -16.25 3.13 8.41
CA GLU A 23 -16.85 1.79 8.49
C GLU A 23 -15.84 0.79 9.13
N VAL A 24 -16.24 0.14 10.24
CA VAL A 24 -15.39 -0.80 10.97
C VAL A 24 -15.69 -2.25 10.58
N THR A 25 -14.77 -2.91 9.84
CA THR A 25 -14.97 -4.29 9.39
C THR A 25 -13.61 -5.09 9.40
N GLY A 26 -13.59 -6.34 8.93
CA GLY A 26 -12.39 -7.15 8.87
C GLY A 26 -12.02 -7.85 10.16
N ASN A 27 -11.57 -9.11 10.07
CA ASN A 27 -11.13 -9.84 11.25
C ASN A 27 -9.58 -9.70 11.45
N SER A 28 -8.98 -10.42 12.41
CA SER A 28 -7.54 -10.35 12.75
C SER A 28 -6.90 -11.76 12.83
N PRO A 29 -6.70 -12.45 11.71
CA PRO A 29 -6.13 -13.82 11.78
C PRO A 29 -4.63 -13.88 12.09
N ARG A 30 -4.23 -14.86 12.89
CA ARG A 30 -2.82 -15.08 13.20
C ARG A 30 -2.37 -16.23 12.31
N LEU A 31 -1.54 -15.94 11.30
CA LEU A 31 -1.13 -16.93 10.31
C LEU A 31 0.37 -17.16 10.28
N ASP A 32 0.81 -18.43 10.16
CA ASP A 32 2.23 -18.75 10.00
C ASP A 32 2.52 -18.62 8.51
N VAL A 33 3.37 -17.66 8.10
CA VAL A 33 3.65 -17.42 6.67
C VAL A 33 5.17 -17.42 6.34
N ALA A 34 5.51 -17.62 5.06
CA ALA A 34 6.89 -17.63 4.57
C ALA A 34 7.02 -16.62 3.44
N LEU A 35 8.16 -15.94 3.39
CA LEU A 35 8.38 -14.95 2.34
C LEU A 35 9.56 -15.41 1.48
N ASP A 36 9.32 -15.57 0.16
CA ASP A 36 10.38 -16.03 -0.74
C ASP A 36 11.16 -14.84 -1.36
N GLU A 37 12.23 -15.16 -2.11
CA GLU A 37 13.10 -14.20 -2.77
C GLU A 37 12.36 -13.34 -3.78
N SER A 38 11.27 -13.86 -4.39
CA SER A 38 10.47 -13.08 -5.33
C SER A 38 9.45 -12.14 -4.66
N GLY A 39 9.44 -12.07 -3.33
CA GLY A 39 8.51 -11.23 -2.60
C GLY A 39 7.11 -11.84 -2.45
N ASP A 40 6.96 -13.14 -2.71
CA ASP A 40 5.67 -13.80 -2.61
C ASP A 40 5.50 -14.43 -1.23
N PHE A 41 4.37 -14.13 -0.59
CA PHE A 41 4.02 -14.72 0.70
C PHE A 41 3.26 -16.02 0.45
N SER A 42 3.50 -17.02 1.30
CA SER A 42 2.81 -18.30 1.22
C SER A 42 2.51 -18.81 2.63
N LEU A 43 1.47 -19.66 2.79
CA LEU A 43 1.08 -20.19 4.09
C LEU A 43 1.94 -21.37 4.51
N VAL A 44 2.41 -21.38 5.76
CA VAL A 44 3.21 -22.48 6.28
C VAL A 44 2.29 -23.39 7.08
N GLU A 45 2.20 -24.66 6.71
CA GLU A 45 1.35 -25.59 7.47
C GLU A 45 2.09 -26.86 7.85
N GLY B 7 5.13 18.18 -12.30
CA GLY B 7 3.78 17.71 -12.06
C GLY B 7 3.28 17.99 -10.65
N GLU B 8 2.23 17.26 -10.21
CA GLU B 8 1.70 17.47 -8.87
C GLU B 8 2.56 16.84 -7.80
N THR B 9 3.08 17.66 -6.89
N THR B 9 3.08 17.67 -6.90
N THR B 9 3.08 17.66 -6.89
N THR B 9 3.08 17.67 -6.90
CA THR B 9 3.94 17.18 -5.80
CA THR B 9 3.94 17.22 -5.81
CA THR B 9 3.94 17.18 -5.80
CA THR B 9 3.94 17.22 -5.81
C THR B 9 3.29 17.27 -4.42
C THR B 9 3.28 17.27 -4.43
C THR B 9 3.29 17.27 -4.42
C THR B 9 3.28 17.27 -4.43
N THR B 10 1.99 17.61 -4.35
CA THR B 10 1.26 17.72 -3.09
C THR B 10 1.21 16.39 -2.38
N ASP B 11 1.42 16.39 -1.06
CA ASP B 11 1.30 15.20 -0.21
C ASP B 11 -0.13 14.64 -0.37
N GLY B 12 -0.28 13.33 -0.33
CA GLY B 12 -1.57 12.70 -0.50
C GLY B 12 -1.49 11.34 -1.15
N VAL B 13 -2.65 10.74 -1.41
CA VAL B 13 -2.78 9.43 -2.02
C VAL B 13 -3.08 9.63 -3.51
N TYR B 14 -2.48 8.80 -4.37
CA TYR B 14 -2.60 8.94 -5.81
C TYR B 14 -2.89 7.61 -6.45
N ARG B 15 -3.61 7.66 -7.58
CA ARG B 15 -3.84 6.45 -8.37
C ARG B 15 -2.67 6.33 -9.38
N VAL B 16 -2.28 5.09 -9.67
CA VAL B 16 -1.26 4.75 -10.65
C VAL B 16 -2.03 4.14 -11.80
N MET B 17 -2.11 4.88 -12.90
CA MET B 17 -2.87 4.56 -14.10
C MET B 17 -1.98 4.16 -15.29
N THR B 18 -2.55 3.45 -16.27
CA THR B 18 -1.85 3.10 -17.49
C THR B 18 -2.79 3.18 -18.70
N ARG B 19 -2.29 3.72 -19.82
CA ARG B 19 -3.09 3.75 -21.04
C ARG B 19 -2.61 2.72 -22.09
N ARG B 20 -1.69 1.81 -21.70
CA ARG B 20 -1.13 0.75 -22.54
C ARG B 20 -2.18 -0.27 -22.93
N LEU B 21 -3.07 -0.60 -21.99
CA LEU B 21 -4.13 -1.58 -22.21
C LEU B 21 -5.43 -0.90 -22.77
N LEU B 22 -6.60 -1.55 -22.65
CA LEU B 22 -7.85 -0.98 -23.13
C LEU B 22 -8.30 0.14 -22.17
N GLY B 23 -8.69 1.30 -22.73
CA GLY B 23 -9.06 2.48 -21.96
C GLY B 23 -7.94 2.96 -21.06
N SER B 24 -8.30 3.50 -19.90
CA SER B 24 -7.33 3.90 -18.87
C SER B 24 -7.58 2.93 -17.73
N THR B 25 -6.56 2.16 -17.34
CA THR B 25 -6.69 1.15 -16.29
C THR B 25 -5.90 1.53 -15.04
N GLN B 26 -6.49 1.34 -13.85
CA GLN B 26 -5.79 1.61 -12.61
C GLN B 26 -5.01 0.36 -12.17
N VAL B 27 -3.68 0.42 -12.20
CA VAL B 27 -2.85 -0.73 -11.80
C VAL B 27 -2.43 -0.72 -10.31
N GLY B 28 -2.61 0.41 -9.66
CA GLY B 28 -2.22 0.56 -8.28
C GLY B 28 -2.44 1.97 -7.75
N VAL B 29 -1.90 2.21 -6.56
CA VAL B 29 -2.04 3.40 -5.74
C VAL B 29 -0.65 3.71 -5.09
N GLY B 30 -0.44 4.93 -4.64
CA GLY B 30 0.77 5.30 -3.94
C GLY B 30 0.61 6.52 -3.06
N VAL B 31 1.66 6.83 -2.31
CA VAL B 31 1.68 7.92 -1.35
C VAL B 31 2.77 8.95 -1.69
N MET B 32 2.38 10.22 -1.78
CA MET B 32 3.32 11.29 -1.96
C MET B 32 3.55 11.88 -0.56
N GLN B 33 4.81 11.94 -0.11
CA GLN B 33 5.19 12.51 1.16
C GLN B 33 6.61 13.02 1.06
N GLU B 34 6.81 14.29 1.43
CA GLU B 34 8.10 14.99 1.43
C GLU B 34 8.80 14.94 0.06
N GLY B 35 8.01 15.03 -1.01
CA GLY B 35 8.51 15.03 -2.39
C GLY B 35 8.86 13.68 -2.98
N VAL B 36 8.55 12.60 -2.24
CA VAL B 36 8.85 11.24 -2.69
C VAL B 36 7.55 10.43 -2.94
N PHE B 37 7.46 9.70 -4.09
CA PHE B 37 6.30 8.88 -4.35
C PHE B 37 6.59 7.44 -3.93
N HIS B 38 5.75 6.84 -3.07
CA HIS B 38 5.96 5.51 -2.52
C HIS B 38 4.90 4.56 -3.03
N THR B 39 5.30 3.41 -3.56
CA THR B 39 4.29 2.44 -4.04
C THR B 39 4.86 1.00 -3.89
N MET B 40 4.11 -0.01 -4.33
CA MET B 40 4.57 -1.38 -4.28
C MET B 40 5.28 -1.66 -5.61
N TRP B 41 6.33 -2.49 -5.57
N TRP B 41 6.33 -2.49 -5.57
N TRP B 41 6.33 -2.49 -5.57
N TRP B 41 6.33 -2.49 -5.57
CA TRP B 41 7.13 -2.84 -6.74
CA TRP B 41 7.13 -2.84 -6.74
CA TRP B 41 7.13 -2.84 -6.74
CA TRP B 41 7.13 -2.84 -6.74
C TRP B 41 6.29 -3.50 -7.81
C TRP B 41 6.29 -3.51 -7.82
C TRP B 41 6.29 -3.50 -7.81
C TRP B 41 6.29 -3.51 -7.82
N HIS B 42 5.39 -4.42 -7.44
CA HIS B 42 4.55 -5.12 -8.42
C HIS B 42 3.54 -4.22 -9.17
N VAL B 43 3.30 -2.98 -8.71
CA VAL B 43 2.43 -2.02 -9.40
C VAL B 43 3.15 -1.45 -10.67
N THR B 44 4.39 -0.95 -10.51
CA THR B 44 5.11 -0.29 -11.59
C THR B 44 6.21 -1.11 -12.25
N LYS B 45 6.64 -2.21 -11.62
CA LYS B 45 7.81 -3.03 -11.99
C LYS B 45 9.11 -2.18 -12.06
N GLY B 46 9.14 -1.03 -11.39
CA GLY B 46 10.28 -0.13 -11.42
C GLY B 46 10.31 0.84 -12.60
N ALA B 47 9.25 0.88 -13.41
CA ALA B 47 9.20 1.79 -14.56
C ALA B 47 9.05 3.27 -14.14
N ALA B 48 9.42 4.21 -15.05
CA ALA B 48 9.27 5.64 -14.82
C ALA B 48 7.79 6.00 -14.74
N LEU B 49 7.47 7.08 -14.06
CA LEU B 49 6.10 7.52 -13.90
C LEU B 49 5.95 8.94 -14.43
N ARG B 50 4.75 9.28 -14.84
CA ARG B 50 4.46 10.60 -15.35
C ARG B 50 3.48 11.28 -14.37
N SER B 51 3.69 12.56 -14.10
CA SER B 51 2.80 13.33 -13.25
C SER B 51 2.58 14.59 -14.07
N GLY B 52 1.52 14.63 -14.86
CA GLY B 52 1.26 15.74 -15.78
C GLY B 52 2.34 15.80 -16.84
N GLU B 53 2.98 16.97 -16.99
CA GLU B 53 4.12 17.11 -17.91
C GLU B 53 5.44 16.61 -17.30
N GLY B 54 5.48 16.39 -15.97
CA GLY B 54 6.68 15.96 -15.28
C GLY B 54 6.95 14.46 -15.26
N ARG B 55 8.21 14.11 -15.00
CA ARG B 55 8.63 12.72 -14.94
C ARG B 55 9.13 12.37 -13.54
N LEU B 56 8.77 11.19 -13.06
CA LEU B 56 9.23 10.68 -11.78
C LEU B 56 10.10 9.48 -12.09
N ASP B 57 11.34 9.51 -11.65
CA ASP B 57 12.26 8.39 -11.86
C ASP B 57 12.42 7.57 -10.59
N PRO B 58 12.54 6.23 -10.73
CA PRO B 58 12.76 5.40 -9.54
C PRO B 58 14.07 5.78 -8.82
N TYR B 59 14.07 5.68 -7.50
CA TYR B 59 15.22 6.04 -6.70
C TYR B 59 15.70 4.84 -5.90
N TRP B 60 14.80 4.09 -5.32
CA TRP B 60 15.12 2.90 -4.53
C TRP B 60 14.03 1.86 -4.77
N GLY B 61 14.41 0.60 -4.79
CA GLY B 61 13.45 -0.47 -4.95
C GLY B 61 14.00 -1.79 -4.48
N ASP B 62 13.10 -2.72 -4.14
CA ASP B 62 13.41 -4.05 -3.65
C ASP B 62 12.24 -4.97 -3.91
N VAL B 63 12.44 -5.99 -4.76
CA VAL B 63 11.44 -6.98 -5.13
C VAL B 63 10.99 -7.82 -3.92
N LYS B 64 11.91 -8.13 -2.98
CA LYS B 64 11.55 -8.96 -1.83
C LYS B 64 10.65 -8.22 -0.85
N GLN B 65 10.99 -6.97 -0.53
CA GLN B 65 10.14 -6.12 0.29
C GLN B 65 8.85 -5.72 -0.47
N ASP B 66 8.90 -5.77 -1.83
CA ASP B 66 7.86 -5.39 -2.77
C ASP B 66 7.57 -3.91 -2.61
N LEU B 67 8.61 -3.08 -2.51
CA LEU B 67 8.48 -1.62 -2.38
C LEU B 67 9.36 -0.85 -3.38
N VAL B 68 8.97 0.40 -3.68
CA VAL B 68 9.70 1.27 -4.59
C VAL B 68 9.40 2.74 -4.24
N SER B 69 10.40 3.62 -4.34
CA SER B 69 10.29 5.06 -4.12
C SER B 69 10.79 5.83 -5.36
N TYR B 70 10.21 7.01 -5.59
CA TYR B 70 10.51 7.87 -6.73
C TYR B 70 10.91 9.25 -6.20
N CYS B 71 11.93 9.86 -6.87
CA CYS B 71 12.48 11.21 -6.62
C CYS B 71 13.33 11.32 -5.35
N GLY B 72 13.38 10.26 -4.54
CA GLY B 72 14.13 10.28 -3.31
C GLY B 72 13.97 9.01 -2.51
N PRO B 73 14.69 8.94 -1.39
CA PRO B 73 14.64 7.73 -0.57
C PRO B 73 13.31 7.51 0.16
N TRP B 74 13.02 6.24 0.55
CA TRP B 74 11.80 5.92 1.30
C TRP B 74 11.66 6.84 2.55
N LYS B 75 10.51 7.52 2.71
CA LYS B 75 10.31 8.48 3.83
C LYS B 75 9.39 7.96 4.94
N LEU B 76 8.55 6.96 4.65
CA LEU B 76 7.56 6.44 5.59
C LEU B 76 8.16 5.52 6.64
N ASP B 77 8.11 5.91 7.92
CA ASP B 77 8.72 5.12 8.98
C ASP B 77 7.79 4.84 10.18
N ALA B 78 6.51 5.23 10.11
CA ALA B 78 5.57 4.94 11.20
C ALA B 78 5.33 3.42 11.28
N ALA B 79 5.12 2.92 12.49
CA ALA B 79 4.93 1.50 12.70
C ALA B 79 3.64 1.19 13.46
N TRP B 80 2.96 0.08 13.11
CA TRP B 80 1.78 -0.38 13.83
C TRP B 80 2.20 -0.71 15.26
N ASP B 81 1.45 -0.22 16.26
CA ASP B 81 1.84 -0.47 17.65
C ASP B 81 1.53 -1.90 18.16
N GLY B 82 0.96 -2.75 17.31
CA GLY B 82 0.63 -4.13 17.66
C GLY B 82 -0.58 -4.29 18.57
N LEU B 83 -1.33 -3.20 18.80
CA LEU B 83 -2.50 -3.21 19.70
C LEU B 83 -3.77 -2.55 19.14
N SER B 84 -3.65 -1.38 18.52
CA SER B 84 -4.82 -0.60 18.11
C SER B 84 -5.35 -0.84 16.71
N GLU B 85 -6.61 -0.45 16.49
CA GLU B 85 -7.20 -0.49 15.16
C GLU B 85 -6.46 0.52 14.25
N VAL B 86 -6.52 0.28 12.95
CA VAL B 86 -5.88 1.10 11.93
C VAL B 86 -6.94 1.40 10.84
N GLN B 87 -6.58 2.22 9.85
CA GLN B 87 -7.45 2.46 8.73
C GLN B 87 -6.75 2.20 7.41
N LEU B 88 -7.41 1.44 6.53
CA LEU B 88 -6.95 1.25 5.18
C LEU B 88 -7.64 2.37 4.38
N LEU B 89 -6.85 3.25 3.76
CA LEU B 89 -7.40 4.30 2.93
C LEU B 89 -7.38 3.68 1.53
N ALA B 90 -8.43 2.88 1.27
CA ALA B 90 -8.58 2.15 0.03
C ALA B 90 -8.94 3.10 -1.09
N VAL B 91 -8.23 3.00 -2.23
CA VAL B 91 -8.49 3.76 -3.44
C VAL B 91 -8.74 2.72 -4.58
N PRO B 92 -9.98 2.19 -4.67
CA PRO B 92 -10.28 1.15 -5.68
C PRO B 92 -10.43 1.70 -7.09
N PRO B 93 -10.19 0.87 -8.12
CA PRO B 93 -10.31 1.36 -9.50
C PRO B 93 -11.69 1.92 -9.81
N GLY B 94 -11.70 3.16 -10.29
CA GLY B 94 -12.90 3.89 -10.66
C GLY B 94 -13.79 4.30 -9.50
N GLU B 95 -13.30 4.16 -8.26
CA GLU B 95 -14.11 4.47 -7.09
C GLU B 95 -13.45 5.50 -6.19
N ARG B 96 -14.26 6.24 -5.43
CA ARG B 96 -13.74 7.27 -4.54
C ARG B 96 -12.91 6.67 -3.38
N ALA B 97 -11.89 7.43 -2.89
CA ALA B 97 -11.08 7.05 -1.72
C ALA B 97 -12.01 6.86 -0.51
N LYS B 98 -11.79 5.81 0.26
CA LYS B 98 -12.67 5.48 1.38
C LYS B 98 -11.89 4.83 2.52
N ASN B 99 -12.02 5.37 3.74
CA ASN B 99 -11.33 4.86 4.93
C ASN B 99 -12.11 3.70 5.53
N ILE B 100 -11.41 2.58 5.82
CA ILE B 100 -12.00 1.40 6.40
C ILE B 100 -11.21 1.06 7.65
N GLN B 101 -11.88 0.98 8.80
CA GLN B 101 -11.23 0.66 10.06
C GLN B 101 -11.23 -0.83 10.34
N THR B 102 -10.10 -1.36 10.80
CA THR B 102 -9.98 -2.77 11.10
C THR B 102 -8.92 -3.01 12.18
N LEU B 103 -9.02 -4.14 12.90
CA LEU B 103 -7.96 -4.49 13.84
C LEU B 103 -7.08 -5.49 13.10
N PRO B 104 -5.80 -5.16 12.92
CA PRO B 104 -4.92 -6.08 12.18
C PRO B 104 -4.64 -7.43 12.85
N GLY B 105 -4.51 -8.44 12.02
CA GLY B 105 -4.02 -9.75 12.44
C GLY B 105 -2.50 -9.77 12.46
N ILE B 106 -1.88 -10.96 12.43
CA ILE B 106 -0.43 -11.14 12.50
C ILE B 106 0.08 -12.17 11.49
N PHE B 107 1.14 -11.84 10.74
CA PHE B 107 1.85 -12.77 9.89
C PHE B 107 3.06 -13.20 10.74
N LYS B 108 3.11 -14.46 11.18
CA LYS B 108 4.24 -14.97 11.95
C LYS B 108 5.24 -15.55 10.95
N THR B 109 6.41 -14.92 10.78
CA THR B 109 7.45 -15.44 9.87
C THR B 109 8.69 -15.94 10.65
N LYS B 110 9.65 -16.60 9.97
CA LYS B 110 10.88 -17.04 10.64
C LYS B 110 11.77 -15.84 11.05
N ASP B 111 11.54 -14.65 10.46
CA ASP B 111 12.29 -13.45 10.78
C ASP B 111 11.46 -12.41 11.56
N GLY B 112 10.45 -12.87 12.30
CA GLY B 112 9.61 -11.95 13.05
C GLY B 112 8.18 -11.77 12.57
N ASP B 113 7.38 -11.06 13.37
CA ASP B 113 5.97 -10.81 13.09
C ASP B 113 5.69 -9.49 12.37
N ILE B 114 4.71 -9.52 11.48
CA ILE B 114 4.28 -8.36 10.69
C ILE B 114 2.77 -8.25 10.88
N GLY B 115 2.26 -7.02 10.95
CA GLY B 115 0.82 -6.82 11.01
C GLY B 115 0.19 -7.20 9.69
N ALA B 116 -1.08 -7.60 9.72
CA ALA B 116 -1.77 -7.98 8.49
C ALA B 116 -3.23 -7.47 8.49
N VAL B 117 -3.73 -7.02 7.34
N VAL B 117 -3.72 -7.06 7.33
N VAL B 117 -3.73 -7.02 7.34
N VAL B 117 -3.72 -7.06 7.33
CA VAL B 117 -5.10 -6.54 7.23
CA VAL B 117 -5.07 -6.54 7.18
CA VAL B 117 -5.10 -6.54 7.23
CA VAL B 117 -5.07 -6.54 7.18
C VAL B 117 -5.95 -7.46 6.36
C VAL B 117 -5.93 -7.49 6.34
C VAL B 117 -5.95 -7.46 6.36
C VAL B 117 -5.93 -7.49 6.34
N ALA B 118 -7.03 -8.01 6.93
CA ALA B 118 -7.91 -8.91 6.21
C ALA B 118 -9.06 -8.18 5.50
N LEU B 119 -8.72 -7.38 4.50
CA LEU B 119 -9.71 -6.66 3.71
C LEU B 119 -9.50 -7.06 2.26
N ASP B 120 -10.59 -7.31 1.54
CA ASP B 120 -10.49 -7.79 0.16
C ASP B 120 -10.91 -6.71 -0.85
N TYR B 121 -9.97 -6.28 -1.70
CA TYR B 121 -10.20 -5.26 -2.71
C TYR B 121 -9.65 -5.68 -4.10
N PRO B 122 -10.01 -5.01 -5.23
CA PRO B 122 -9.40 -5.38 -6.51
C PRO B 122 -7.87 -5.19 -6.52
N ALA B 123 -7.15 -5.96 -7.37
CA ALA B 123 -5.69 -5.90 -7.49
C ALA B 123 -5.14 -4.48 -7.67
N GLY B 124 -5.86 -3.65 -8.44
CA GLY B 124 -5.52 -2.27 -8.70
C GLY B 124 -5.60 -1.32 -7.51
N THR B 125 -5.98 -1.85 -6.32
CA THR B 125 -6.00 -1.13 -5.05
C THR B 125 -4.60 -1.24 -4.34
N SER B 126 -3.68 -2.10 -4.84
CA SER B 126 -2.32 -2.30 -4.27
C SER B 126 -1.54 -0.98 -4.18
N GLY B 127 -0.95 -0.70 -3.03
CA GLY B 127 -0.22 0.54 -2.74
C GLY B 127 -0.99 1.53 -1.88
N SER B 128 -2.28 1.20 -1.57
CA SER B 128 -3.16 2.01 -0.70
C SER B 128 -2.54 2.05 0.70
N PRO B 129 -2.44 3.24 1.31
CA PRO B 129 -1.81 3.33 2.65
C PRO B 129 -2.70 2.89 3.82
N ILE B 130 -2.05 2.26 4.80
CA ILE B 130 -2.62 1.88 6.08
C ILE B 130 -2.09 2.94 7.06
N LEU B 131 -2.98 3.50 7.89
CA LEU B 131 -2.69 4.62 8.78
C LEU B 131 -2.96 4.33 10.25
N ASP B 132 -2.25 5.04 11.13
CA ASP B 132 -2.52 5.00 12.55
C ASP B 132 -3.50 6.14 12.92
N LYS B 133 -3.90 6.24 14.19
CA LYS B 133 -4.83 7.26 14.65
C LYS B 133 -4.35 8.70 14.41
N CYS B 134 -3.01 8.89 14.29
CA CYS B 134 -2.39 10.18 14.00
C CYS B 134 -2.34 10.53 12.50
N GLY B 135 -2.83 9.64 11.64
CA GLY B 135 -2.80 9.86 10.19
C GLY B 135 -1.48 9.48 9.52
N ARG B 136 -0.52 8.94 10.28
CA ARG B 136 0.78 8.56 9.73
C ARG B 136 0.70 7.22 9.00
N VAL B 137 1.36 7.11 7.84
CA VAL B 137 1.33 5.89 7.07
C VAL B 137 2.24 4.84 7.68
N ILE B 138 1.64 3.77 8.20
CA ILE B 138 2.35 2.66 8.83
C ILE B 138 2.69 1.52 7.84
N GLY B 139 2.28 1.63 6.59
CA GLY B 139 2.57 0.64 5.58
C GLY B 139 1.64 0.72 4.38
N LEU B 140 1.89 -0.11 3.36
CA LEU B 140 1.08 -0.17 2.15
C LEU B 140 0.43 -1.55 2.05
N TYR B 141 -0.78 -1.55 1.47
CA TYR B 141 -1.65 -2.71 1.29
C TYR B 141 -1.47 -3.27 -0.11
N GLY B 142 -1.45 -4.59 -0.26
CA GLY B 142 -1.32 -5.17 -1.59
C GLY B 142 -0.40 -6.36 -1.77
N ASN B 143 0.35 -6.77 -0.74
CA ASN B 143 1.18 -7.97 -0.84
C ASN B 143 0.82 -8.91 0.32
N GLY B 144 0.24 -10.05 -0.01
CA GLY B 144 -0.20 -10.98 1.00
C GLY B 144 -0.45 -12.39 0.54
N VAL B 145 -1.47 -12.99 1.11
CA VAL B 145 -1.79 -14.39 0.89
C VAL B 145 -3.31 -14.66 0.80
N VAL B 146 -3.69 -15.83 0.26
CA VAL B 146 -5.08 -16.21 0.15
C VAL B 146 -5.27 -17.41 1.08
N ILE B 147 -6.02 -17.21 2.18
CA ILE B 147 -6.18 -18.24 3.21
C ILE B 147 -7.27 -19.27 2.85
N LYS B 148 -7.36 -20.38 3.62
CA LYS B 148 -8.32 -21.50 3.42
C LYS B 148 -9.65 -21.13 2.72
N ASN B 149 -10.48 -20.25 3.33
CA ASN B 149 -11.78 -19.87 2.80
C ASN B 149 -11.76 -18.92 1.58
N GLY B 150 -10.62 -18.85 0.90
CA GLY B 150 -10.44 -18.01 -0.27
C GLY B 150 -10.35 -16.52 -0.02
N SER B 151 -10.38 -16.09 1.26
N SER B 151 -10.38 -16.09 1.26
CA SER B 151 -10.29 -14.67 1.58
CA SER B 151 -10.29 -14.67 1.58
C SER B 151 -8.85 -14.14 1.48
C SER B 151 -8.85 -14.14 1.48
N TYR B 152 -8.72 -12.84 1.19
CA TYR B 152 -7.41 -12.20 1.05
C TYR B 152 -6.93 -11.49 2.30
N VAL B 153 -5.68 -11.77 2.73
CA VAL B 153 -5.04 -11.11 3.86
C VAL B 153 -3.71 -10.48 3.39
N SER B 154 -3.62 -9.16 3.44
CA SER B 154 -2.43 -8.42 3.02
C SER B 154 -1.52 -8.15 4.20
N ALA B 155 -0.20 -8.06 3.98
CA ALA B 155 0.72 -7.65 5.04
C ALA B 155 0.61 -6.11 5.17
N ILE B 156 0.99 -5.56 6.31
CA ILE B 156 1.13 -4.12 6.48
C ILE B 156 2.61 -3.90 6.07
N THR B 157 2.86 -3.69 4.77
CA THR B 157 4.24 -3.59 4.28
C THR B 157 4.87 -2.22 4.47
N GLN B 158 5.91 -2.16 5.30
CA GLN B 158 6.59 -0.90 5.57
C GLN B 158 8.09 -0.97 5.14
N GLY B 159 8.58 0.14 4.61
CA GLY B 159 9.97 0.29 4.22
C GLY B 159 10.84 0.80 5.37
N LYS B 160 12.08 1.13 5.06
CA LYS B 160 13.02 1.63 6.07
C LYS B 160 13.46 3.03 5.67
N ARG B 161 13.38 3.98 6.58
CA ARG B 161 13.85 5.33 6.33
C ARG B 161 15.32 5.34 6.77
N GLU B 162 16.26 5.57 5.83
CA GLU B 162 17.70 5.57 6.10
C GLU B 162 18.13 6.72 7.04
S DMS C . 4.03 -9.41 -5.94
O DMS C . 2.79 -9.96 -5.39
C1 DMS C . 4.52 -10.49 -7.24
C2 DMS C . 5.26 -9.82 -4.78
S DMS D . -4.19 -8.22 17.04
O DMS D . -4.89 -9.14 17.96
C1 DMS D . -2.52 -8.72 17.16
C2 DMS D . -4.06 -6.69 17.92
S DMS E . 11.33 -1.50 -16.44
O DMS E . 11.82 -0.88 -15.21
C1 DMS E . 10.66 -0.21 -17.44
C2 DMS E . 9.75 -2.20 -16.09
N1 O2J F . -5.48 -10.23 -4.69
C4 O2J F . -6.70 -10.88 -4.18
C5 O2J F . -4.40 -11.18 -4.95
C6 O2J F . -4.88 -12.29 -5.87
C7 O2J F . -5.20 -8.93 -4.30
C8 O2J F . -6.12 -8.19 -3.55
C10 O2J F . -4.53 -6.41 -3.52
C1 O2J F . -8.85 -15.07 -4.09
O1 O2J F . -7.78 -14.13 -4.22
C2 O2J F . -8.26 -12.82 -4.46
C3 O2J F . -7.14 -12.01 -5.08
O2 O2J F . -6.05 -12.91 -5.31
C9 O2J F . -5.75 -6.90 -3.17
C11 O2J F . -3.69 -7.21 -4.27
N2 O2J F . -4.00 -8.45 -4.67
#